data_6A2I
#
_entry.id   6A2I
#
_cell.length_a   114.963
_cell.length_b   29.940
_cell.length_c   79.287
_cell.angle_alpha   90.00
_cell.angle_beta   123.88
_cell.angle_gamma   90.00
#
_symmetry.space_group_name_H-M   'C 1 2 1'
#
loop_
_entity.id
_entity.type
_entity.pdbx_description
1 polymer 'Chromatin protein Cren7'
2 polymer "DNA (5'-D(*CP*GP*TP*AP*GP*CP*TP*AP*AP*TP*TP*AP*GP*CP*TP*AP*CP*G)-3')"
3 water water
#
loop_
_entity_poly.entity_id
_entity_poly.type
_entity_poly.pdbx_seq_one_letter_code
_entity_poly.pdbx_strand_id
1 'polypeptide(L)' MSSGKKPVKVKTPAGKEAELVPEKVWALAPKGRKGVKIGLFKDPETGKYFRHKLPDDYPI A,B
2 'polydeoxyribonucleotide' (DC)(DG)(DT)(DA)(DG)(DC)(DT)(DA)(DA)(DT)(DT)(DA)(DG)(DC)(DT)(DA)(DC)(DG) C,D
#
loop_
_chem_comp.id
_chem_comp.type
_chem_comp.name
_chem_comp.formula
DA DNA linking 2'-DEOXYADENOSINE-5'-MONOPHOSPHATE 'C10 H14 N5 O6 P'
DC DNA linking 2'-DEOXYCYTIDINE-5'-MONOPHOSPHATE 'C9 H14 N3 O7 P'
DG DNA linking 2'-DEOXYGUANOSINE-5'-MONOPHOSPHATE 'C10 H14 N5 O7 P'
DT DNA linking THYMIDINE-5'-MONOPHOSPHATE 'C10 H15 N2 O8 P'
#
# COMPACT_ATOMS: atom_id res chain seq x y z
N LYS A 5 5.95 2.13 -23.72
CA LYS A 5 7.17 1.40 -24.10
C LYS A 5 8.34 2.33 -24.40
N LYS A 6 8.06 3.62 -24.55
CA LYS A 6 9.10 4.60 -24.80
C LYS A 6 9.85 4.91 -23.52
N PRO A 7 11.19 4.93 -23.58
CA PRO A 7 12.02 5.30 -22.42
C PRO A 7 11.79 6.75 -22.02
N VAL A 8 11.92 7.04 -20.73
CA VAL A 8 11.81 8.40 -20.22
C VAL A 8 13.09 8.77 -19.47
N LYS A 9 13.61 9.96 -19.74
CA LYS A 9 14.82 10.42 -19.06
C LYS A 9 14.47 10.94 -17.67
N VAL A 10 14.76 10.15 -16.65
CA VAL A 10 14.42 10.52 -15.29
C VAL A 10 15.63 10.56 -14.39
N LYS A 11 15.54 11.37 -13.34
CA LYS A 11 16.56 11.39 -12.30
C LYS A 11 16.12 10.47 -11.18
N THR A 12 16.83 9.35 -11.01
CA THR A 12 16.51 8.37 -10.00
C THR A 12 16.64 8.96 -8.59
N PRO A 13 15.87 8.43 -7.63
CA PRO A 13 16.03 8.83 -6.22
C PRO A 13 17.43 8.51 -5.73
N ALA A 14 18.09 7.53 -6.35
CA ALA A 14 19.48 7.21 -6.03
C ALA A 14 20.41 8.38 -6.35
N GLY A 15 20.02 9.19 -7.33
CA GLY A 15 20.80 10.36 -7.70
C GLY A 15 21.24 10.36 -9.15
N LYS A 16 21.49 9.16 -9.69
CA LYS A 16 21.96 9.01 -11.06
C LYS A 16 20.89 9.36 -12.09
N GLU A 17 21.27 9.32 -13.37
CA GLU A 17 20.35 9.61 -14.46
C GLU A 17 20.14 8.36 -15.28
N ALA A 18 18.89 8.08 -15.67
CA ALA A 18 18.59 6.86 -16.41
C ALA A 18 17.50 7.04 -17.45
N GLU A 19 17.48 6.12 -18.41
CA GLU A 19 16.45 6.09 -19.45
C GLU A 19 15.55 4.88 -19.20
N LEU A 20 14.48 5.10 -18.44
CA LEU A 20 13.65 3.99 -17.98
C LEU A 20 12.27 3.97 -18.62
N VAL A 21 11.75 2.75 -18.83
CA VAL A 21 10.38 2.58 -19.28
C VAL A 21 9.47 2.48 -18.06
N PRO A 22 8.41 3.30 -18.03
CA PRO A 22 7.48 3.25 -16.90
C PRO A 22 6.61 2.02 -16.97
N GLU A 23 6.47 1.34 -15.83
CA GLU A 23 5.64 0.14 -15.76
C GLU A 23 4.17 0.48 -15.92
N LYS A 24 3.75 1.58 -15.29
CA LYS A 24 2.36 2.01 -15.37
C LYS A 24 2.31 3.53 -15.55
N VAL A 25 1.43 3.98 -16.45
CA VAL A 25 1.29 5.41 -16.73
C VAL A 25 -0.17 5.84 -16.61
N TRP A 26 -0.38 7.10 -16.23
CA TRP A 26 -1.73 7.65 -16.14
C TRP A 26 -1.73 9.17 -16.07
N ALA A 27 -2.92 9.75 -16.07
CA ALA A 27 -3.08 11.19 -16.00
C ALA A 27 -3.52 11.63 -14.61
N LEU A 28 -2.73 12.51 -13.99
CA LEU A 28 -3.05 13.05 -12.68
C LEU A 28 -3.59 14.47 -12.82
N ALA A 29 -4.89 14.59 -13.10
CA ALA A 29 -5.49 15.90 -13.35
C ALA A 29 -6.79 16.11 -12.58
N PRO A 30 -6.96 17.30 -11.98
CA PRO A 30 -8.22 17.69 -11.34
C PRO A 30 -9.28 18.04 -12.39
N LYS A 31 -10.49 18.35 -11.95
CA LYS A 31 -11.56 18.74 -12.86
C LYS A 31 -11.28 20.11 -13.45
N GLY A 32 -11.31 20.21 -14.78
CA GLY A 32 -11.13 21.48 -15.46
C GLY A 32 -9.69 21.87 -15.75
N ARG A 33 -8.74 21.10 -15.21
CA ARG A 33 -7.32 21.39 -15.43
C ARG A 33 -6.61 20.28 -16.20
N LYS A 34 -5.42 20.59 -16.71
CA LYS A 34 -4.66 19.63 -17.50
C LYS A 34 -3.85 18.70 -16.61
N GLY A 35 -3.36 19.23 -15.49
CA GLY A 35 -2.57 18.45 -14.55
C GLY A 35 -1.27 17.98 -15.18
N VAL A 36 -0.88 16.76 -14.86
CA VAL A 36 0.33 16.18 -15.41
C VAL A 36 0.09 14.72 -15.81
N LYS A 37 1.08 14.12 -16.45
CA LYS A 37 1.05 12.69 -16.72
C LYS A 37 2.09 12.03 -15.82
N ILE A 38 1.67 11.05 -15.05
CA ILE A 38 2.54 10.41 -14.07
C ILE A 38 2.94 8.99 -14.51
N GLY A 39 4.23 8.68 -14.37
CA GLY A 39 4.73 7.36 -14.67
C GLY A 39 5.22 6.63 -13.43
N LEU A 40 5.01 5.32 -13.39
CA LEU A 40 5.51 4.50 -12.29
C LEU A 40 6.81 3.82 -12.71
N PHE A 41 7.90 4.20 -12.04
CA PHE A 41 9.21 3.69 -12.40
C PHE A 41 9.81 2.80 -11.32
N LYS A 42 10.81 2.00 -11.72
CA LYS A 42 11.53 1.15 -10.79
C LYS A 42 13.03 1.39 -10.94
N ASP A 43 13.66 1.90 -9.89
CA ASP A 43 15.09 2.13 -9.88
C ASP A 43 15.81 0.80 -10.05
N PRO A 44 16.51 0.63 -11.19
CA PRO A 44 17.21 -0.63 -11.46
C PRO A 44 18.36 -0.87 -10.48
N GLU A 45 18.87 0.21 -9.90
CA GLU A 45 19.98 0.14 -8.95
C GLU A 45 19.54 -0.44 -7.61
N THR A 46 18.38 -0.01 -7.12
CA THR A 46 17.95 -0.37 -5.78
C THR A 46 16.69 -1.24 -5.77
N GLY A 47 15.96 -1.24 -6.88
CA GLY A 47 14.72 -2.00 -6.97
C GLY A 47 13.54 -1.21 -6.41
N LYS A 48 13.82 0.00 -5.91
CA LYS A 48 12.78 0.84 -5.33
C LYS A 48 11.91 1.52 -6.38
N TYR A 49 10.61 1.59 -6.11
CA TYR A 49 9.67 2.27 -6.98
C TYR A 49 9.67 3.77 -6.72
N PHE A 50 9.30 4.54 -7.75
CA PHE A 50 9.11 5.97 -7.61
C PHE A 50 8.26 6.50 -8.77
N ARG A 51 7.49 7.55 -8.50
CA ARG A 51 6.70 8.21 -9.55
C ARG A 51 7.47 9.39 -10.11
N HIS A 52 7.18 9.75 -11.36
CA HIS A 52 7.88 10.85 -12.01
C HIS A 52 7.01 11.39 -13.14
N LYS A 53 7.22 12.66 -13.47
CA LYS A 53 6.46 13.30 -14.54
C LYS A 53 6.89 12.80 -15.91
N LEU A 54 5.90 12.57 -16.78
CA LEU A 54 6.17 12.17 -18.15
C LEU A 54 5.97 13.38 -19.07
N PRO A 55 6.57 13.34 -20.27
CA PRO A 55 6.31 14.38 -21.28
C PRO A 55 4.82 14.46 -21.60
N ASP A 56 4.36 15.65 -21.99
CA ASP A 56 2.95 15.90 -22.25
C ASP A 56 2.43 15.18 -23.48
N ASP A 57 3.35 14.58 -24.24
CA ASP A 57 2.99 13.89 -25.48
C ASP A 57 2.99 12.37 -25.31
N TYR A 58 3.18 11.91 -24.07
CA TYR A 58 3.31 10.47 -23.82
C TYR A 58 1.98 9.73 -23.95
N PRO A 59 2.00 8.58 -24.65
CA PRO A 59 0.82 7.73 -24.83
C PRO A 59 0.29 7.16 -23.51
N ILE A 60 -0.95 7.49 -23.17
CA ILE A 60 -1.57 7.00 -21.94
C ILE A 60 -2.56 5.88 -22.23
N GLY B 4 -3.81 -11.94 29.91
CA GLY B 4 -5.04 -12.01 29.13
C GLY B 4 -5.13 -10.95 28.05
N LYS B 5 -5.10 -11.38 26.80
CA LYS B 5 -5.21 -10.45 25.67
C LYS B 5 -6.66 -10.09 25.42
N LYS B 6 -6.94 -8.79 25.33
CA LYS B 6 -8.30 -8.30 25.16
C LYS B 6 -8.93 -8.70 23.83
N PRO B 7 -10.20 -9.16 23.86
CA PRO B 7 -10.92 -9.58 22.66
C PRO B 7 -11.32 -8.38 21.81
N VAL B 8 -11.44 -8.61 20.50
CA VAL B 8 -11.80 -7.56 19.56
C VAL B 8 -13.10 -7.91 18.85
N LYS B 9 -13.95 -6.91 18.63
CA LYS B 9 -15.20 -7.11 17.91
C LYS B 9 -14.95 -7.04 16.40
N VAL B 10 -15.17 -8.15 15.70
CA VAL B 10 -14.91 -8.22 14.27
C VAL B 10 -16.05 -8.87 13.50
N LYS B 11 -16.33 -8.34 12.31
CA LYS B 11 -17.21 -8.99 11.37
C LYS B 11 -16.44 -10.10 10.69
N THR B 12 -16.84 -11.34 10.95
CA THR B 12 -16.15 -12.51 10.41
C THR B 12 -16.32 -12.61 8.90
N PRO B 13 -15.38 -13.31 8.23
CA PRO B 13 -15.49 -13.58 6.80
C PRO B 13 -16.82 -14.27 6.45
N ALA B 14 -17.34 -15.05 7.39
CA ALA B 14 -18.64 -15.68 7.23
C ALA B 14 -19.74 -14.62 7.09
N GLY B 15 -19.71 -13.60 7.94
CA GLY B 15 -20.68 -12.53 7.88
C GLY B 15 -21.16 -12.06 9.25
N LYS B 16 -21.11 -12.95 10.23
CA LYS B 16 -21.62 -12.65 11.56
C LYS B 16 -20.62 -11.82 12.38
N GLU B 17 -21.11 -11.25 13.47
CA GLU B 17 -20.28 -10.47 14.38
C GLU B 17 -19.82 -11.36 15.52
N ALA B 18 -18.62 -11.12 16.04
CA ALA B 18 -18.09 -11.93 17.12
C ALA B 18 -16.97 -11.21 17.87
N GLU B 19 -16.84 -11.54 19.15
CA GLU B 19 -15.79 -10.95 19.97
C GLU B 19 -14.60 -11.89 20.04
N LEU B 20 -13.74 -11.84 19.01
CA LEU B 20 -12.60 -12.76 18.93
C LEU B 20 -11.37 -12.16 19.58
N VAL B 21 -10.47 -13.03 20.02
CA VAL B 21 -9.20 -12.59 20.58
C VAL B 21 -8.04 -13.00 19.68
N PRO B 22 -7.25 -12.03 19.22
CA PRO B 22 -6.20 -12.22 18.21
C PRO B 22 -5.17 -13.27 18.60
N GLU B 23 -4.87 -14.17 17.67
CA GLU B 23 -3.79 -15.14 17.83
C GLU B 23 -2.45 -14.41 17.93
N LYS B 24 -2.31 -13.34 17.14
CA LYS B 24 -1.06 -12.59 17.07
C LYS B 24 -1.34 -11.13 16.71
N VAL B 25 -0.55 -10.21 17.26
CA VAL B 25 -0.76 -8.78 17.06
C VAL B 25 0.55 -8.09 16.67
N TRP B 26 0.48 -7.22 15.67
CA TRP B 26 1.66 -6.48 15.24
C TRP B 26 1.29 -5.18 14.54
N ALA B 27 2.26 -4.28 14.43
CA ALA B 27 2.06 -2.98 13.81
C ALA B 27 2.50 -3.01 12.36
N LEU B 28 1.56 -2.75 11.45
CA LEU B 28 1.87 -2.66 10.04
C LEU B 28 2.16 -1.20 9.69
N ALA B 29 3.44 -0.88 9.56
CA ALA B 29 3.85 0.52 9.39
C ALA B 29 5.13 0.69 8.59
N PRO B 30 5.07 1.53 7.54
CA PRO B 30 6.28 2.02 6.87
C PRO B 30 7.10 2.85 7.86
N LYS B 31 8.42 2.82 7.71
CA LYS B 31 9.31 3.49 8.68
C LYS B 31 9.10 5.01 8.70
N GLY B 32 9.29 5.60 9.88
CA GLY B 32 9.16 7.04 10.06
C GLY B 32 7.89 7.42 10.77
N ARG B 33 6.85 6.61 10.58
CA ARG B 33 5.54 6.89 11.17
C ARG B 33 4.83 5.61 11.59
N LYS B 34 3.86 5.74 12.48
CA LYS B 34 3.04 4.60 12.88
C LYS B 34 2.04 4.34 11.77
N GLY B 35 1.55 3.10 11.70
CA GLY B 35 0.57 2.74 10.68
C GLY B 35 -0.71 2.28 11.34
N VAL B 36 -1.13 1.08 10.99
CA VAL B 36 -2.29 0.47 11.64
C VAL B 36 -1.83 -0.72 12.47
N LYS B 37 -2.73 -1.21 13.32
CA LYS B 37 -2.46 -2.42 14.09
C LYS B 37 -3.27 -3.57 13.51
N ILE B 38 -2.58 -4.65 13.15
CA ILE B 38 -3.22 -5.79 12.53
C ILE B 38 -3.19 -7.00 13.45
N GLY B 39 -4.35 -7.65 13.59
CA GLY B 39 -4.45 -8.86 14.38
C GLY B 39 -4.76 -10.06 13.52
N LEU B 40 -4.18 -11.20 13.90
CA LEU B 40 -4.46 -12.47 13.23
C LEU B 40 -5.59 -13.18 13.97
N PHE B 41 -6.67 -13.48 13.26
CA PHE B 41 -7.81 -14.13 13.88
C PHE B 41 -8.10 -15.49 13.27
N LYS B 42 -8.71 -16.36 14.08
CA LYS B 42 -9.18 -17.65 13.60
C LYS B 42 -10.70 -17.66 13.71
N ASP B 43 -11.38 -17.85 12.59
CA ASP B 43 -12.84 -17.92 12.57
C ASP B 43 -13.25 -19.22 13.25
N PRO B 44 -13.93 -19.11 14.41
CA PRO B 44 -14.33 -20.30 15.17
C PRO B 44 -15.33 -21.14 14.39
N GLU B 45 -16.09 -20.49 13.51
CA GLU B 45 -17.07 -21.18 12.68
C GLU B 45 -16.44 -22.09 11.63
N THR B 46 -15.71 -21.48 10.69
CA THR B 46 -15.14 -22.23 9.58
C THR B 46 -13.73 -22.75 9.86
N GLY B 47 -13.13 -22.29 10.95
CA GLY B 47 -11.81 -22.76 11.34
C GLY B 47 -10.69 -22.04 10.61
N LYS B 48 -11.06 -21.21 9.64
CA LYS B 48 -10.09 -20.52 8.81
C LYS B 48 -9.55 -19.26 9.48
N TYR B 49 -8.49 -18.70 8.91
CA TYR B 49 -7.85 -17.51 9.46
C TYR B 49 -8.18 -16.27 8.63
N PHE B 50 -8.12 -15.11 9.28
CA PHE B 50 -8.31 -13.84 8.59
C PHE B 50 -7.67 -12.71 9.39
N ARG B 51 -7.19 -11.69 8.69
CA ARG B 51 -6.57 -10.54 9.35
C ARG B 51 -7.51 -9.35 9.33
N HIS B 52 -7.33 -8.46 10.29
CA HIS B 52 -8.20 -7.30 10.43
C HIS B 52 -7.54 -6.21 11.26
N LYS B 53 -7.86 -4.96 10.94
CA LYS B 53 -7.36 -3.80 11.67
C LYS B 53 -7.80 -3.87 13.13
N LEU B 54 -6.93 -3.42 14.02
CA LEU B 54 -7.26 -3.34 15.44
C LEU B 54 -7.48 -1.88 15.82
N PRO B 55 -8.16 -1.63 16.95
CA PRO B 55 -8.28 -0.25 17.42
C PRO B 55 -6.89 0.40 17.61
N ASP B 56 -6.79 1.70 17.41
CA ASP B 56 -5.51 2.40 17.48
C ASP B 56 -4.84 2.30 18.86
N ASP B 57 -5.62 2.06 19.89
CA ASP B 57 -5.09 1.98 21.25
C ASP B 57 -5.01 0.55 21.78
N TYR B 58 -5.04 -0.42 20.87
CA TYR B 58 -4.90 -1.82 21.26
C TYR B 58 -3.47 -2.12 21.67
N PRO B 59 -3.31 -2.76 22.84
CA PRO B 59 -1.99 -3.12 23.38
C PRO B 59 -1.32 -4.20 22.55
N ILE B 60 -0.14 -3.92 22.01
CA ILE B 60 0.59 -4.88 21.21
C ILE B 60 1.58 -5.68 22.07
#